data_8VQN
#
_entry.id   8VQN
#
_cell.length_a   159.654
_cell.length_b   159.654
_cell.length_c   159.654
_cell.angle_alpha   90.00
_cell.angle_beta   90.00
_cell.angle_gamma   90.00
#
_symmetry.space_group_name_H-M   'I 21 3'
#
loop_
_entity.id
_entity.type
_entity.pdbx_description
1 polymer 'Hemagglutinin HA1 chain'
2 polymer 'Hemagglutinin HA2 chain'
3 branched beta-D-mannopyranose-(1-4)-2-acetamido-2-deoxy-beta-D-glucopyranose-(1-4)-2-acetamido-2-deoxy-beta-D-glucopyranose
4 branched 2-acetamido-2-deoxy-beta-D-glucopyranose-(1-4)-2-acetamido-2-deoxy-beta-D-glucopyranose
5 non-polymer '(S~1~S,3R)-N-{3-chloro-4-[(2S)-2-phenylmorpholine-4-carbonyl]phenyl}-3-(dimethylamino)pyrrolidine-1-sulfonimidoyl fluoride'
6 water water
#
loop_
_entity_poly.entity_id
_entity_poly.type
_entity_poly.pdbx_seq_one_letter_code
_entity_poly.pdbx_strand_id
1 'polypeptide(L)'
;DTICIGYHANNSTDTVDTVLEKNVTVTHSVNLLEDSHNGKLCRLKGIAPLQLGKCNIAGWLLGNPECDPLLPVRSWSYIV
ETPNSENGICYPGDFIDYEELREQLSSVSSFERFEIFPKESSWPNHNTNGVTAACSHEGKSSFYRNLLWLTEKEGSYPKL
KNSYVNKKGKEVLVLWGIHHPPNSKEQQNLYQNENAYVSVVTSNYNRRFTPEIAERPKVRDQAGRMNYYWTLLKPGDTII
FEANGNLIAPMYAFALSRGFGSGIITSNASMHECNTKCQTPLGAINSSLPYQNIHPVTIGECPKYVRSAKLRMVTGLRNI
PS
;
A
2 'polypeptide(L)'
;GLFGAIAGFIEGGWTGMIDGWYGYHHQNEQGSGYAADQKSTQNAINGITNKVNTVIEKMNIQFTAVGKEFNKLEKRMENL
NKKVDDGFLDIWTYNAELLVLLENERTLDFHDSNVKNLYEKVKSQLKNNAKEIGNGCFEFYHKCDNECMESVRNGTYDYP
KYSEESKLNREKVDGVKLESMGIYQILAIYSTVASSLVLLVSLGAISFWMCSNGSLQCRICI
;
B
#
# COMPACT_ATOMS: atom_id res chain seq x y z
N ASP A 1 -47.76 15.99 36.15
CA ASP A 1 -46.69 16.47 35.27
C ASP A 1 -45.42 15.66 35.48
N THR A 2 -44.75 15.31 34.38
CA THR A 2 -43.58 14.44 34.44
C THR A 2 -42.49 14.98 33.53
N ILE A 3 -41.25 14.64 33.86
CA ILE A 3 -40.10 14.84 32.98
C ILE A 3 -39.25 13.58 33.03
N CYS A 4 -38.76 13.16 31.87
CA CYS A 4 -38.02 11.92 31.74
C CYS A 4 -36.66 12.18 31.09
N ILE A 5 -35.66 11.42 31.52
CA ILE A 5 -34.33 11.45 30.92
C ILE A 5 -34.18 10.21 30.05
N GLY A 6 -33.68 10.40 28.83
CA GLY A 6 -33.56 9.30 27.91
C GLY A 6 -32.43 9.53 26.91
N TYR A 7 -32.31 8.58 25.99
CA TYR A 7 -31.23 8.61 25.01
C TYR A 7 -31.75 8.22 23.64
N HIS A 8 -30.93 8.53 22.63
CA HIS A 8 -31.33 8.43 21.23
C HIS A 8 -31.45 6.98 20.79
N ALA A 9 -32.39 6.74 19.87
CA ALA A 9 -32.51 5.49 19.15
C ALA A 9 -32.90 5.78 17.71
N ASN A 10 -32.56 4.87 16.82
CA ASN A 10 -32.90 5.03 15.40
C ASN A 10 -33.06 3.64 14.78
N ASN A 11 -33.13 3.62 13.44
CA ASN A 11 -33.33 2.39 12.68
C ASN A 11 -32.02 1.77 12.20
N SER A 12 -30.89 2.22 12.73
CA SER A 12 -29.60 1.71 12.30
C SER A 12 -29.45 0.24 12.65
N THR A 13 -28.79 -0.51 11.75
CA THR A 13 -28.49 -1.93 11.98
C THR A 13 -26.99 -2.19 11.99
N ASP A 14 -26.17 -1.14 12.11
CA ASP A 14 -24.74 -1.32 12.25
C ASP A 14 -24.41 -2.10 13.52
N THR A 15 -23.45 -3.01 13.42
CA THR A 15 -23.03 -3.81 14.56
C THR A 15 -21.53 -3.67 14.76
N VAL A 16 -21.10 -3.65 16.02
CA VAL A 16 -19.71 -3.60 16.41
C VAL A 16 -19.46 -4.70 17.44
N ASP A 17 -18.18 -4.97 17.68
CA ASP A 17 -17.77 -5.94 18.68
C ASP A 17 -17.00 -5.25 19.79
N THR A 18 -17.16 -5.76 21.01
CA THR A 18 -16.44 -5.27 22.18
C THR A 18 -15.69 -6.44 22.81
N VAL A 19 -14.97 -6.14 23.90
CA VAL A 19 -14.27 -7.19 24.63
C VAL A 19 -15.27 -8.12 25.30
N LEU A 20 -16.33 -7.56 25.88
CA LEU A 20 -17.30 -8.35 26.64
C LEU A 20 -18.43 -8.90 25.79
N GLU A 21 -18.70 -8.33 24.62
CA GLU A 21 -19.89 -8.69 23.86
C GLU A 21 -19.66 -8.47 22.38
N LYS A 22 -20.12 -9.43 21.58
CA LYS A 22 -20.10 -9.32 20.12
C LYS A 22 -21.48 -8.94 19.61
N ASN A 23 -21.49 -8.39 18.39
CA ASN A 23 -22.73 -8.18 17.64
C ASN A 23 -23.65 -7.18 18.34
N VAL A 24 -23.07 -6.06 18.76
CA VAL A 24 -23.83 -5.01 19.43
C VAL A 24 -24.33 -4.02 18.39
N THR A 25 -25.64 -3.88 18.30
CA THR A 25 -26.24 -2.92 17.37
C THR A 25 -26.15 -1.51 17.96
N VAL A 26 -25.69 -0.56 17.14
CA VAL A 26 -25.38 0.78 17.61
C VAL A 26 -26.04 1.82 16.71
N THR A 27 -26.23 3.02 17.26
CA THR A 27 -26.93 4.07 16.52
C THR A 27 -26.02 4.68 15.46
N HIS A 28 -24.74 4.86 15.77
CA HIS A 28 -23.79 5.45 14.82
C HIS A 28 -22.47 4.70 14.93
N SER A 29 -21.78 4.60 13.79
CA SER A 29 -20.52 3.87 13.72
C SER A 29 -19.68 4.40 12.57
N VAL A 30 -18.38 4.12 12.62
CA VAL A 30 -17.42 4.54 11.61
C VAL A 30 -16.62 3.33 11.15
N ASN A 31 -16.59 3.09 9.85
CA ASN A 31 -15.75 2.04 9.29
C ASN A 31 -14.32 2.56 9.13
N LEU A 32 -13.36 1.78 9.61
CA LEU A 32 -11.95 2.13 9.50
C LEU A 32 -11.20 1.28 8.49
N LEU A 33 -11.85 0.27 7.91
CA LEU A 33 -11.18 -0.70 7.05
C LEU A 33 -11.59 -0.45 5.61
N GLU A 34 -10.60 -0.17 4.76
CA GLU A 34 -10.84 0.04 3.34
C GLU A 34 -10.80 -1.29 2.61
N ASP A 35 -11.88 -1.61 1.90
CA ASP A 35 -11.96 -2.85 1.13
C ASP A 35 -12.27 -2.65 -0.34
N SER A 36 -12.38 -1.40 -0.80
CA SER A 36 -12.82 -1.11 -2.15
C SER A 36 -11.66 -0.58 -2.97
N HIS A 37 -11.52 -1.10 -4.20
CA HIS A 37 -10.57 -0.59 -5.18
C HIS A 37 -11.25 -0.54 -6.53
N ASN A 38 -10.67 0.22 -7.45
CA ASN A 38 -11.28 0.42 -8.77
C ASN A 38 -10.85 -0.63 -9.79
N GLY A 39 -9.90 -1.50 -9.46
CA GLY A 39 -9.52 -2.56 -10.36
C GLY A 39 -8.73 -2.14 -11.57
N LYS A 40 -8.10 -0.96 -11.54
CA LYS A 40 -7.37 -0.43 -12.69
C LYS A 40 -5.98 0.00 -12.26
N LEU A 41 -5.08 0.03 -13.24
CA LEU A 41 -3.77 0.65 -13.08
C LEU A 41 -3.91 2.14 -13.40
N CYS A 42 -3.44 2.99 -12.50
CA CYS A 42 -3.62 4.42 -12.63
C CYS A 42 -2.28 5.14 -12.55
N ARG A 43 -2.29 6.39 -13.01
CA ARG A 43 -1.18 7.28 -12.74
C ARG A 43 -1.07 7.54 -11.24
N LEU A 44 0.15 7.62 -10.74
CA LEU A 44 0.40 7.85 -9.32
C LEU A 44 1.00 9.23 -9.14
N LYS A 45 0.28 10.09 -8.42
CA LYS A 45 0.69 11.49 -8.22
C LYS A 45 0.94 12.18 -9.56
N GLY A 46 0.11 11.83 -10.55
CA GLY A 46 0.19 12.45 -11.85
C GLY A 46 1.23 11.89 -12.80
N ILE A 47 1.85 10.75 -12.47
CA ILE A 47 2.90 10.17 -13.29
C ILE A 47 2.49 8.75 -13.67
N ALA A 48 2.50 8.47 -14.97
CA ALA A 48 2.13 7.15 -15.45
C ALA A 48 3.21 6.13 -15.11
N PRO A 49 2.84 4.85 -14.96
CA PRO A 49 3.83 3.81 -14.70
C PRO A 49 4.55 3.38 -15.97
N LEU A 50 5.57 2.55 -15.78
CA LEU A 50 6.29 1.90 -16.87
C LEU A 50 5.80 0.48 -16.98
N GLN A 51 5.13 0.17 -18.09
CA GLN A 51 4.60 -1.17 -18.35
C GLN A 51 5.54 -1.88 -19.32
N LEU A 52 6.03 -3.04 -18.92
CA LEU A 52 6.97 -3.80 -19.72
C LEU A 52 6.30 -4.75 -20.71
N GLY A 53 4.97 -4.84 -20.67
CA GLY A 53 4.26 -5.69 -21.62
C GLY A 53 4.63 -7.15 -21.45
N LYS A 54 5.00 -7.79 -22.55
CA LYS A 54 5.39 -9.19 -22.54
C LYS A 54 6.79 -9.43 -21.98
N CYS A 55 7.56 -8.37 -21.74
CA CYS A 55 8.92 -8.49 -21.25
C CYS A 55 8.95 -8.43 -19.73
N ASN A 56 9.92 -9.13 -19.16
CA ASN A 56 10.26 -8.94 -17.75
C ASN A 56 11.37 -7.91 -17.67
N ILE A 57 11.92 -7.70 -16.48
CA ILE A 57 13.00 -6.72 -16.33
C ILE A 57 14.21 -7.13 -17.15
N ALA A 58 14.58 -8.41 -17.11
CA ALA A 58 15.74 -8.87 -17.86
C ALA A 58 15.54 -8.71 -19.37
N GLY A 59 14.35 -9.03 -19.88
CA GLY A 59 14.11 -8.89 -21.30
C GLY A 59 14.16 -7.46 -21.76
N TRP A 60 13.60 -6.55 -20.97
CA TRP A 60 13.62 -5.13 -21.34
C TRP A 60 15.03 -4.56 -21.33
N LEU A 61 15.81 -4.89 -20.30
CA LEU A 61 17.15 -4.32 -20.18
C LEU A 61 18.08 -4.86 -21.27
N LEU A 62 18.00 -6.16 -21.55
CA LEU A 62 18.85 -6.74 -22.59
C LEU A 62 18.38 -6.34 -23.99
N GLY A 63 17.08 -6.10 -24.16
CA GLY A 63 16.54 -5.75 -25.45
C GLY A 63 16.06 -6.95 -26.23
N ASN A 64 15.21 -7.76 -25.61
CA ASN A 64 14.67 -8.94 -26.27
C ASN A 64 13.89 -8.52 -27.52
N PRO A 65 14.15 -9.13 -28.68
CA PRO A 65 13.54 -8.64 -29.92
C PRO A 65 12.03 -8.81 -29.98
N GLU A 66 11.43 -9.63 -29.13
CA GLU A 66 10.01 -9.93 -29.22
C GLU A 66 9.14 -8.95 -28.43
N CYS A 67 9.73 -7.89 -27.90
CA CYS A 67 8.99 -6.88 -27.15
C CYS A 67 9.01 -5.57 -27.92
N ASP A 68 7.88 -4.87 -27.89
CA ASP A 68 7.77 -3.60 -28.60
C ASP A 68 8.78 -2.60 -28.05
N PRO A 69 9.64 -2.02 -28.88
CA PRO A 69 10.64 -1.08 -28.37
C PRO A 69 9.99 0.13 -27.73
N LEU A 70 10.57 0.59 -26.63
CA LEU A 70 10.08 1.76 -25.94
C LEU A 70 10.72 3.03 -26.51
N LEU A 71 10.16 4.18 -26.13
CA LEU A 71 10.72 5.44 -26.55
C LEU A 71 12.09 5.63 -25.92
N PRO A 72 12.96 6.45 -26.54
CA PRO A 72 14.32 6.59 -26.02
C PRO A 72 14.38 7.07 -24.58
N VAL A 73 13.46 7.92 -24.15
CA VAL A 73 13.44 8.45 -22.79
C VAL A 73 12.06 8.20 -22.19
N ARG A 74 12.04 7.61 -21.00
CA ARG A 74 10.80 7.39 -20.26
C ARG A 74 11.00 7.80 -18.81
N SER A 75 9.92 8.29 -18.19
CA SER A 75 9.86 8.55 -16.77
C SER A 75 8.59 7.93 -16.21
N TRP A 76 8.67 7.44 -14.98
CA TRP A 76 7.56 6.67 -14.42
C TRP A 76 7.51 6.82 -12.91
N SER A 77 6.42 6.30 -12.33
CA SER A 77 6.23 6.28 -10.89
C SER A 77 6.29 4.88 -10.29
N TYR A 78 6.01 3.84 -11.09
CA TYR A 78 6.20 2.46 -10.67
C TYR A 78 6.30 1.59 -11.92
N ILE A 79 6.80 0.38 -11.74
CA ILE A 79 7.07 -0.54 -12.85
C ILE A 79 6.13 -1.74 -12.73
N VAL A 80 5.50 -2.10 -13.84
CA VAL A 80 4.53 -3.19 -13.87
C VAL A 80 5.10 -4.32 -14.73
N GLU A 81 5.18 -5.52 -14.15
CA GLU A 81 5.53 -6.74 -14.87
C GLU A 81 4.30 -7.62 -14.98
N THR A 82 4.00 -8.05 -16.19
CA THR A 82 2.84 -8.90 -16.41
C THR A 82 3.14 -10.32 -15.90
N PRO A 83 2.16 -10.98 -15.26
CA PRO A 83 2.46 -12.27 -14.60
C PRO A 83 3.07 -13.32 -15.52
N ASN A 84 2.60 -13.44 -16.76
CA ASN A 84 3.18 -14.42 -17.69
C ASN A 84 4.17 -13.74 -18.61
N SER A 85 5.29 -13.32 -18.02
CA SER A 85 6.38 -12.67 -18.75
C SER A 85 7.19 -13.76 -19.45
N GLU A 86 6.69 -14.18 -20.61
CA GLU A 86 7.35 -15.22 -21.38
C GLU A 86 8.64 -14.74 -22.04
N ASN A 87 8.76 -13.43 -22.26
CA ASN A 87 9.94 -12.86 -22.93
C ASN A 87 10.89 -12.31 -21.88
N GLY A 88 12.00 -13.01 -21.68
CA GLY A 88 13.06 -12.54 -20.80
C GLY A 88 14.41 -12.74 -21.45
N ILE A 89 15.29 -13.46 -20.77
CA ILE A 89 16.51 -13.93 -21.41
C ILE A 89 16.15 -14.97 -22.47
N CYS A 90 16.62 -14.77 -23.70
CA CYS A 90 16.30 -15.70 -24.78
C CYS A 90 17.44 -16.65 -25.10
N TYR A 91 18.70 -16.25 -24.91
CA TYR A 91 19.81 -17.18 -25.04
C TYR A 91 20.20 -17.67 -23.65
N PRO A 92 20.21 -18.99 -23.41
CA PRO A 92 20.33 -19.49 -22.03
C PRO A 92 21.63 -19.08 -21.36
N GLY A 93 21.54 -18.89 -20.06
CA GLY A 93 22.70 -18.50 -19.28
C GLY A 93 22.27 -17.95 -17.94
N ASP A 94 23.22 -17.36 -17.24
CA ASP A 94 23.00 -16.80 -15.91
C ASP A 94 23.11 -15.28 -15.96
N PHE A 95 22.17 -14.61 -15.28
CA PHE A 95 22.17 -13.16 -15.15
C PHE A 95 22.75 -12.84 -13.77
N ILE A 96 24.02 -12.47 -13.74
CA ILE A 96 24.74 -12.32 -12.47
C ILE A 96 24.22 -11.08 -11.74
N ASP A 97 23.89 -11.26 -10.46
CA ASP A 97 23.35 -10.20 -9.61
C ASP A 97 22.09 -9.59 -10.22
N TYR A 98 21.26 -10.43 -10.82
CA TYR A 98 20.02 -9.95 -11.44
C TYR A 98 19.07 -9.37 -10.40
N GLU A 99 18.94 -10.04 -9.25
CA GLU A 99 18.04 -9.55 -8.22
C GLU A 99 18.51 -8.21 -7.66
N GLU A 100 19.82 -8.04 -7.53
CA GLU A 100 20.36 -6.75 -7.11
C GLU A 100 20.04 -5.66 -8.12
N LEU A 101 20.09 -6.00 -9.42
CA LEU A 101 19.75 -5.02 -10.46
C LEU A 101 18.29 -4.58 -10.34
N ARG A 102 17.38 -5.52 -10.07
CA ARG A 102 15.98 -5.17 -9.87
C ARG A 102 15.82 -4.20 -8.69
N GLU A 103 16.56 -4.45 -7.62
CA GLU A 103 16.48 -3.55 -6.46
C GLU A 103 16.99 -2.15 -6.80
N GLN A 104 18.02 -2.08 -7.65
CA GLN A 104 18.48 -0.77 -8.13
C GLN A 104 17.41 -0.08 -8.96
N LEU A 105 16.74 -0.82 -9.84
CA LEU A 105 15.71 -0.23 -10.69
C LEU A 105 14.54 0.28 -9.87
N SER A 106 14.30 -0.29 -8.69
CA SER A 106 13.15 0.10 -7.89
C SER A 106 13.23 1.53 -7.38
N SER A 107 14.43 2.11 -7.34
CA SER A 107 14.61 3.51 -6.95
C SER A 107 14.98 4.40 -8.15
N VAL A 108 14.70 3.93 -9.36
CA VAL A 108 14.96 4.67 -10.59
C VAL A 108 13.64 5.23 -11.11
N SER A 109 13.65 6.50 -11.51
CA SER A 109 12.44 7.16 -12.00
C SER A 109 12.51 7.54 -13.47
N SER A 110 13.63 7.31 -14.15
CA SER A 110 13.76 7.69 -15.54
C SER A 110 14.98 7.01 -16.15
N PHE A 111 14.90 6.75 -17.46
CA PHE A 111 16.03 6.24 -18.22
C PHE A 111 16.16 7.00 -19.53
N GLU A 112 17.39 7.04 -20.04
CA GLU A 112 17.68 7.49 -21.40
C GLU A 112 18.49 6.42 -22.08
N ARG A 113 17.90 5.75 -23.06
CA ARG A 113 18.59 4.71 -23.83
C ARG A 113 19.40 5.39 -24.93
N PHE A 114 20.72 5.32 -24.84
CA PHE A 114 21.60 5.97 -25.80
C PHE A 114 22.65 4.98 -26.29
N GLU A 115 23.22 5.30 -27.44
CA GLU A 115 24.23 4.46 -28.08
C GLU A 115 25.57 4.71 -27.41
N ILE A 116 26.07 3.71 -26.67
CA ILE A 116 27.35 3.85 -25.98
C ILE A 116 28.51 3.46 -26.88
N PHE A 117 28.36 2.37 -27.64
CA PHE A 117 29.36 1.96 -28.65
C PHE A 117 28.64 1.84 -29.98
N PRO A 118 28.75 2.84 -30.87
CA PRO A 118 28.03 2.78 -32.14
C PRO A 118 28.38 1.54 -32.94
N LYS A 119 27.36 0.96 -33.58
CA LYS A 119 27.50 -0.35 -34.20
C LYS A 119 28.49 -0.32 -35.37
N GLU A 120 28.42 0.72 -36.21
CA GLU A 120 29.22 0.78 -37.43
C GLU A 120 30.46 1.63 -37.29
N SER A 121 30.86 1.98 -36.06
CA SER A 121 32.04 2.80 -35.84
C SER A 121 32.96 2.30 -34.75
N SER A 122 32.54 1.34 -33.92
CA SER A 122 33.32 0.94 -32.76
C SER A 122 34.12 -0.34 -32.97
N TRP A 123 33.71 -1.21 -33.91
CA TRP A 123 34.35 -2.51 -34.12
C TRP A 123 34.69 -2.67 -35.59
N PRO A 124 35.70 -1.94 -36.08
CA PRO A 124 36.01 -2.01 -37.51
C PRO A 124 36.64 -3.32 -37.95
N ASN A 125 37.36 -4.02 -37.07
CA ASN A 125 38.05 -5.24 -37.42
C ASN A 125 37.31 -6.49 -36.94
N HIS A 126 36.03 -6.37 -36.60
CA HIS A 126 35.27 -7.49 -36.06
C HIS A 126 33.93 -7.60 -36.79
N ASN A 127 33.37 -8.80 -36.73
CA ASN A 127 32.08 -9.12 -37.33
C ASN A 127 30.97 -8.88 -36.31
N THR A 128 29.90 -8.21 -36.74
CA THR A 128 28.89 -7.73 -35.79
C THR A 128 27.46 -8.16 -36.14
N ASN A 129 27.25 -9.11 -37.04
CA ASN A 129 25.90 -9.49 -37.44
C ASN A 129 25.48 -10.84 -36.89
N GLY A 130 26.14 -11.33 -35.84
CA GLY A 130 25.76 -12.60 -35.24
C GLY A 130 24.34 -12.62 -34.70
N VAL A 131 23.57 -13.64 -35.08
CA VAL A 131 22.19 -13.81 -34.63
C VAL A 131 21.99 -15.25 -34.22
N THR A 132 20.93 -15.49 -33.47
CA THR A 132 20.62 -16.82 -32.96
C THR A 132 19.13 -17.09 -33.12
N ALA A 133 18.79 -18.37 -33.30
CA ALA A 133 17.39 -18.77 -33.37
C ALA A 133 16.72 -18.75 -32.01
N ALA A 134 17.49 -18.72 -30.92
CA ALA A 134 16.92 -18.66 -29.59
C ALA A 134 16.34 -17.29 -29.27
N CYS A 135 16.72 -16.27 -30.04
CA CYS A 135 16.22 -14.91 -29.84
C CYS A 135 15.47 -14.46 -31.09
N SER A 136 14.59 -15.33 -31.59
CA SER A 136 13.92 -15.10 -32.86
C SER A 136 13.04 -13.86 -32.80
N HIS A 137 12.82 -13.26 -33.97
CA HIS A 137 11.91 -12.13 -34.14
C HIS A 137 11.22 -12.28 -35.49
N GLU A 138 9.90 -12.35 -35.47
CA GLU A 138 9.10 -12.56 -36.69
C GLU A 138 9.53 -13.82 -37.42
N GLY A 139 9.83 -14.88 -36.66
CA GLY A 139 10.28 -16.13 -37.21
C GLY A 139 11.73 -16.17 -37.62
N LYS A 140 12.37 -15.03 -37.82
CA LYS A 140 13.77 -14.97 -38.24
C LYS A 140 14.69 -14.91 -37.03
N SER A 141 15.89 -15.48 -37.20
CA SER A 141 16.89 -15.39 -36.15
C SER A 141 17.31 -13.94 -35.94
N SER A 142 17.51 -13.57 -34.68
CA SER A 142 17.82 -12.19 -34.33
C SER A 142 18.72 -12.19 -33.10
N PHE A 143 18.85 -11.03 -32.47
CA PHE A 143 19.68 -10.88 -31.29
C PHE A 143 19.15 -9.71 -30.45
N TYR A 144 19.70 -9.56 -29.25
CA TYR A 144 19.30 -8.47 -28.37
C TYR A 144 19.53 -7.13 -29.04
N ARG A 145 18.57 -6.20 -28.84
CA ARG A 145 18.69 -4.88 -29.44
C ARG A 145 19.80 -4.04 -28.82
N ASN A 146 20.17 -4.31 -27.57
CA ASN A 146 21.13 -3.49 -26.85
C ASN A 146 22.54 -4.08 -26.83
N LEU A 147 22.75 -5.25 -27.43
CA LEU A 147 24.04 -5.93 -27.39
C LEU A 147 24.46 -6.34 -28.78
N LEU A 148 25.75 -6.61 -28.93
CA LEU A 148 26.35 -6.97 -30.21
C LEU A 148 27.17 -8.24 -30.04
N TRP A 149 26.88 -9.26 -30.86
CA TRP A 149 27.64 -10.51 -30.86
C TRP A 149 28.84 -10.34 -31.79
N LEU A 150 30.02 -10.14 -31.20
CA LEU A 150 31.23 -9.99 -31.98
C LEU A 150 31.82 -11.35 -32.30
N THR A 151 32.24 -11.53 -33.56
CA THR A 151 32.88 -12.75 -34.00
C THR A 151 34.05 -12.39 -34.91
N GLU A 152 34.77 -13.41 -35.35
CA GLU A 152 35.96 -13.20 -36.17
C GLU A 152 35.60 -12.60 -37.52
N LYS A 153 36.52 -11.78 -38.04
CA LYS A 153 36.38 -11.18 -39.37
C LYS A 153 37.60 -11.56 -40.20
N GLU A 154 37.33 -12.14 -41.38
CA GLU A 154 38.38 -12.59 -42.30
C GLU A 154 39.34 -13.56 -41.61
N GLY A 155 38.77 -14.50 -40.85
CA GLY A 155 39.58 -15.48 -40.14
C GLY A 155 40.51 -14.89 -39.10
N SER A 156 40.10 -13.79 -38.46
CA SER A 156 40.93 -13.15 -37.45
C SER A 156 40.03 -12.40 -36.47
N TYR A 157 40.39 -12.48 -35.19
CA TYR A 157 39.70 -11.78 -34.10
C TYR A 157 40.76 -11.00 -33.35
N PRO A 158 41.06 -9.77 -33.79
CA PRO A 158 42.09 -8.99 -33.11
C PRO A 158 41.65 -8.59 -31.71
N LYS A 159 42.63 -8.39 -30.84
CA LYS A 159 42.34 -7.95 -29.48
C LYS A 159 41.65 -6.60 -29.50
N LEU A 160 40.36 -6.57 -29.17
CA LEU A 160 39.61 -5.33 -29.19
C LEU A 160 39.82 -4.57 -27.90
N LYS A 161 39.59 -3.26 -27.97
CA LYS A 161 39.82 -2.39 -26.83
C LYS A 161 39.05 -1.10 -27.05
N ASN A 162 38.00 -0.89 -26.26
CA ASN A 162 37.18 0.30 -26.38
C ASN A 162 36.80 0.81 -24.99
N SER A 163 36.60 2.12 -24.90
CA SER A 163 36.29 2.78 -23.64
C SER A 163 35.18 3.81 -23.85
N TYR A 164 34.48 4.12 -22.76
CA TYR A 164 33.46 5.16 -22.77
C TYR A 164 33.60 6.01 -21.51
N VAL A 165 33.50 7.32 -21.68
CA VAL A 165 33.54 8.27 -20.57
C VAL A 165 32.13 8.79 -20.33
N ASN A 166 31.67 8.72 -19.09
CA ASN A 166 30.31 9.11 -18.74
C ASN A 166 30.25 10.63 -18.62
N LYS A 167 29.67 11.27 -19.63
CA LYS A 167 29.45 12.71 -19.62
C LYS A 167 27.96 13.07 -19.54
N LYS A 168 27.13 12.15 -19.06
CA LYS A 168 25.70 12.37 -18.97
C LYS A 168 25.29 13.06 -17.67
N GLY A 169 26.16 13.11 -16.67
CA GLY A 169 25.81 13.66 -15.38
C GLY A 169 24.94 12.77 -14.53
N LYS A 170 24.66 11.54 -14.97
CA LYS A 170 23.88 10.58 -14.22
C LYS A 170 24.54 9.21 -14.35
N GLU A 171 24.18 8.31 -13.45
CA GLU A 171 24.66 6.94 -13.52
C GLU A 171 24.30 6.32 -14.86
N VAL A 172 25.26 5.62 -15.45
CA VAL A 172 25.04 4.90 -16.71
C VAL A 172 25.13 3.41 -16.41
N LEU A 173 24.05 2.69 -16.70
CA LEU A 173 24.01 1.25 -16.52
C LEU A 173 24.49 0.58 -17.81
N VAL A 174 25.58 -0.17 -17.71
CA VAL A 174 26.18 -0.84 -18.85
C VAL A 174 25.98 -2.33 -18.69
N LEU A 175 25.46 -2.97 -19.73
CA LEU A 175 25.22 -4.41 -19.74
C LEU A 175 26.04 -5.06 -20.84
N TRP A 176 26.56 -6.25 -20.58
CA TRP A 176 27.32 -7.00 -21.56
C TRP A 176 27.15 -8.48 -21.27
N GLY A 177 27.73 -9.32 -22.13
CA GLY A 177 27.60 -10.75 -21.99
C GLY A 177 28.89 -11.46 -22.37
N ILE A 178 29.01 -12.68 -21.85
CA ILE A 178 30.12 -13.57 -22.16
C ILE A 178 29.55 -14.86 -22.71
N HIS A 179 29.99 -15.25 -23.91
CA HIS A 179 29.50 -16.46 -24.54
C HIS A 179 30.43 -17.63 -24.25
N HIS A 180 29.84 -18.78 -23.94
CA HIS A 180 30.59 -20.01 -23.67
C HIS A 180 30.18 -21.09 -24.66
N PRO A 181 30.95 -21.31 -25.71
CA PRO A 181 30.57 -22.32 -26.72
C PRO A 181 30.64 -23.72 -26.13
N PRO A 182 29.89 -24.67 -26.71
CA PRO A 182 29.86 -26.02 -26.13
C PRO A 182 31.05 -26.90 -26.50
N ASN A 183 31.91 -26.47 -27.42
CA ASN A 183 33.07 -27.28 -27.79
C ASN A 183 34.16 -26.36 -28.32
N SER A 184 35.39 -26.90 -28.35
CA SER A 184 36.53 -26.10 -28.77
C SER A 184 36.50 -25.80 -30.27
N LYS A 185 35.84 -26.65 -31.06
CA LYS A 185 35.73 -26.39 -32.49
C LYS A 185 34.97 -25.09 -32.76
N GLU A 186 33.86 -24.89 -32.05
CA GLU A 186 33.10 -23.65 -32.22
C GLU A 186 33.86 -22.45 -31.67
N GLN A 187 34.59 -22.63 -30.57
CA GLN A 187 35.35 -21.53 -29.98
C GLN A 187 36.39 -21.00 -30.97
N GLN A 188 37.07 -21.90 -31.68
CA GLN A 188 38.01 -21.47 -32.70
C GLN A 188 37.29 -20.85 -33.90
N ASN A 189 36.13 -21.39 -34.27
CA ASN A 189 35.40 -20.87 -35.42
C ASN A 189 34.92 -19.45 -35.18
N LEU A 190 34.41 -19.18 -33.97
CA LEU A 190 33.80 -17.88 -33.70
C LEU A 190 34.84 -16.82 -33.35
N TYR A 191 35.86 -17.19 -32.58
CA TYR A 191 36.77 -16.21 -31.99
C TYR A 191 38.24 -16.48 -32.28
N GLN A 192 38.60 -17.59 -32.93
CA GLN A 192 39.94 -17.84 -33.42
C GLN A 192 40.98 -17.94 -32.31
N ASN A 193 40.55 -17.81 -31.05
CA ASN A 193 41.43 -17.87 -29.90
C ASN A 193 40.84 -18.85 -28.89
N GLU A 194 41.68 -19.76 -28.40
CA GLU A 194 41.26 -20.71 -27.38
C GLU A 194 41.55 -20.21 -25.98
N ASN A 195 42.66 -19.51 -25.78
CA ASN A 195 42.95 -18.88 -24.50
C ASN A 195 42.38 -17.46 -24.45
N ALA A 196 41.11 -17.34 -24.79
CA ALA A 196 40.47 -16.04 -24.87
C ALA A 196 40.12 -15.53 -23.47
N TYR A 197 39.95 -14.21 -23.38
CA TYR A 197 39.57 -13.58 -22.13
C TYR A 197 38.86 -12.26 -22.43
N VAL A 198 38.10 -11.80 -21.44
CA VAL A 198 37.42 -10.52 -21.50
C VAL A 198 37.74 -9.75 -20.22
N SER A 199 38.06 -8.46 -20.37
CA SER A 199 38.38 -7.60 -19.23
C SER A 199 37.47 -6.38 -19.26
N VAL A 200 36.83 -6.10 -18.13
CA VAL A 200 35.96 -4.94 -17.97
C VAL A 200 36.38 -4.23 -16.70
N VAL A 201 36.78 -2.96 -16.82
CA VAL A 201 37.30 -2.21 -15.68
C VAL A 201 36.69 -0.81 -15.67
N THR A 202 36.42 -0.32 -14.46
CA THR A 202 36.12 1.09 -14.19
C THR A 202 36.92 1.51 -12.97
N SER A 203 36.59 2.66 -12.38
CA SER A 203 37.32 3.10 -11.19
C SER A 203 36.99 2.24 -9.97
N ASN A 204 35.80 1.63 -9.95
CA ASN A 204 35.39 0.79 -8.82
C ASN A 204 34.95 -0.61 -9.24
N TYR A 205 35.04 -0.96 -10.51
CA TYR A 205 34.71 -2.29 -11.00
C TYR A 205 35.94 -2.87 -11.71
N ASN A 206 36.23 -4.14 -11.42
CA ASN A 206 37.42 -4.77 -11.98
C ASN A 206 37.17 -6.28 -12.02
N ARG A 207 36.82 -6.80 -13.19
CA ARG A 207 36.52 -8.21 -13.35
C ARG A 207 37.09 -8.72 -14.65
N ARG A 208 37.51 -10.00 -14.63
CA ARG A 208 38.05 -10.68 -15.80
C ARG A 208 37.29 -11.99 -16.00
N PHE A 209 36.93 -12.28 -17.25
CA PHE A 209 36.13 -13.44 -17.59
C PHE A 209 36.89 -14.36 -18.52
N THR A 210 36.66 -15.68 -18.36
CA THR A 210 37.34 -16.68 -19.16
C THR A 210 36.30 -17.72 -19.58
N PRO A 211 36.23 -18.07 -20.87
CA PRO A 211 35.28 -19.08 -21.31
C PRO A 211 35.57 -20.44 -20.68
N GLU A 212 34.49 -21.16 -20.35
CA GLU A 212 34.58 -22.51 -19.79
C GLU A 212 33.82 -23.44 -20.71
N ILE A 213 34.56 -24.24 -21.49
CA ILE A 213 34.01 -24.98 -22.62
C ILE A 213 33.65 -26.38 -22.16
N ALA A 214 32.38 -26.75 -22.35
CA ALA A 214 31.90 -28.10 -22.11
C ALA A 214 30.56 -28.26 -22.80
N GLU A 215 30.25 -29.48 -23.21
CA GLU A 215 28.93 -29.75 -23.76
C GLU A 215 27.91 -29.79 -22.63
N ARG A 216 26.74 -29.24 -22.90
CA ARG A 216 25.74 -29.00 -21.86
C ARG A 216 24.38 -29.41 -22.38
N PRO A 217 23.42 -29.68 -21.48
CA PRO A 217 22.05 -29.96 -21.93
C PRO A 217 21.48 -28.78 -22.70
N LYS A 218 20.70 -29.10 -23.72
CA LYS A 218 20.13 -28.05 -24.57
C LYS A 218 19.05 -27.28 -23.82
N VAL A 219 19.17 -25.96 -23.81
CA VAL A 219 18.15 -25.07 -23.28
C VAL A 219 17.75 -24.12 -24.40
N ARG A 220 16.47 -24.13 -24.77
CA ARG A 220 15.99 -23.42 -25.94
C ARG A 220 16.80 -23.79 -27.18
N ASP A 221 17.13 -25.08 -27.29
CA ASP A 221 17.88 -25.65 -28.40
C ASP A 221 19.29 -25.05 -28.51
N GLN A 222 19.89 -24.69 -27.38
CA GLN A 222 21.25 -24.17 -27.35
C GLN A 222 22.07 -24.92 -26.32
N ALA A 223 23.14 -25.58 -26.78
CA ALA A 223 24.11 -26.17 -25.86
C ALA A 223 25.07 -25.14 -25.29
N GLY A 224 25.20 -23.99 -25.93
CA GLY A 224 26.03 -22.92 -25.40
C GLY A 224 25.35 -22.16 -24.29
N ARG A 225 26.12 -21.30 -23.65
CA ARG A 225 25.63 -20.45 -22.57
C ARG A 225 26.10 -19.03 -22.79
N MET A 226 25.32 -18.08 -22.28
CA MET A 226 25.65 -16.66 -22.34
C MET A 226 25.43 -16.06 -20.97
N ASN A 227 26.52 -15.68 -20.30
CA ASN A 227 26.44 -15.07 -18.98
C ASN A 227 26.37 -13.56 -19.13
N TYR A 228 25.45 -12.94 -18.39
CA TYR A 228 25.18 -11.52 -18.50
C TYR A 228 25.65 -10.79 -17.24
N TYR A 229 26.29 -9.64 -17.44
CA TYR A 229 26.87 -8.86 -16.36
C TYR A 229 26.50 -7.40 -16.51
N TRP A 230 26.58 -6.66 -15.42
CA TRP A 230 26.22 -5.24 -15.42
C TRP A 230 27.04 -4.51 -14.36
N THR A 231 27.14 -3.20 -14.54
CA THR A 231 27.72 -2.32 -13.53
C THR A 231 27.18 -0.91 -13.75
N LEU A 232 27.15 -0.14 -12.67
CA LEU A 232 26.67 1.24 -12.70
C LEU A 232 27.88 2.16 -12.81
N LEU A 233 28.02 2.82 -13.96
CA LEU A 233 29.14 3.71 -14.20
C LEU A 233 28.82 5.09 -13.62
N LYS A 234 29.62 5.52 -12.66
CA LYS A 234 29.38 6.77 -11.96
C LYS A 234 29.65 7.96 -12.89
N PRO A 235 29.02 9.10 -12.62
CA PRO A 235 29.27 10.29 -13.44
C PRO A 235 30.74 10.66 -13.48
N GLY A 236 31.27 10.82 -14.69
CA GLY A 236 32.65 11.20 -14.90
C GLY A 236 33.61 10.05 -15.05
N ASP A 237 33.20 8.83 -14.74
CA ASP A 237 34.10 7.67 -14.75
C ASP A 237 34.16 7.05 -16.14
N THR A 238 35.22 6.27 -16.36
CA THR A 238 35.47 5.58 -17.61
C THR A 238 35.31 4.08 -17.42
N ILE A 239 34.73 3.41 -18.41
CA ILE A 239 34.70 1.96 -18.49
C ILE A 239 35.50 1.53 -19.70
N ILE A 240 36.32 0.50 -19.54
CA ILE A 240 37.19 0.01 -20.61
C ILE A 240 36.87 -1.46 -20.84
N PHE A 241 36.61 -1.81 -22.09
CA PHE A 241 36.37 -3.19 -22.50
C PHE A 241 37.59 -3.71 -23.24
N GLU A 242 38.06 -4.89 -22.86
CA GLU A 242 39.23 -5.50 -23.46
C GLU A 242 38.96 -6.99 -23.61
N ALA A 243 39.07 -7.50 -24.84
CA ALA A 243 38.80 -8.91 -25.07
C ALA A 243 39.51 -9.35 -26.34
N ASN A 244 39.81 -10.66 -26.39
CA ASN A 244 40.24 -11.32 -27.61
C ASN A 244 39.28 -12.44 -28.00
N GLY A 245 38.06 -12.40 -27.49
CA GLY A 245 37.03 -13.36 -27.86
C GLY A 245 35.89 -13.36 -26.87
N ASN A 246 34.78 -13.99 -27.29
CA ASN A 246 33.65 -14.34 -26.44
C ASN A 246 32.92 -13.14 -25.84
N LEU A 247 33.26 -11.91 -26.25
CA LEU A 247 32.60 -10.74 -25.71
C LEU A 247 31.30 -10.46 -26.46
N ILE A 248 30.20 -10.39 -25.71
CA ILE A 248 28.93 -9.90 -26.23
C ILE A 248 28.86 -8.43 -25.81
N ALA A 249 29.31 -7.54 -26.70
CA ALA A 249 29.62 -6.16 -26.37
C ALA A 249 28.36 -5.32 -26.19
N PRO A 250 28.44 -4.30 -25.34
CA PRO A 250 27.31 -3.36 -25.23
C PRO A 250 27.21 -2.50 -26.48
N MET A 251 25.97 -2.22 -26.87
CA MET A 251 25.70 -1.24 -27.91
C MET A 251 24.91 -0.06 -27.37
N TYR A 252 23.84 -0.31 -26.62
CA TYR A 252 23.05 0.72 -25.99
C TYR A 252 23.18 0.61 -24.47
N ALA A 253 23.23 1.77 -23.80
CA ALA A 253 23.28 1.85 -22.36
C ALA A 253 22.17 2.78 -21.88
N PHE A 254 21.99 2.83 -20.57
CA PHE A 254 20.92 3.61 -19.96
C PHE A 254 21.50 4.60 -18.96
N ALA A 255 21.16 5.87 -19.14
CA ALA A 255 21.43 6.90 -18.14
C ALA A 255 20.23 6.96 -17.20
N LEU A 256 20.49 6.79 -15.91
CA LEU A 256 19.43 6.57 -14.94
C LEU A 256 19.29 7.76 -14.00
N SER A 257 18.04 8.09 -13.67
CA SER A 257 17.71 9.11 -12.68
C SER A 257 17.11 8.44 -11.46
N ARG A 258 17.45 8.95 -10.28
CA ARG A 258 17.03 8.36 -9.02
C ARG A 258 15.82 9.10 -8.47
N GLY A 259 14.82 8.35 -8.00
CA GLY A 259 13.63 8.93 -7.42
C GLY A 259 13.22 8.26 -6.13
N PHE A 260 12.02 8.56 -5.64
CA PHE A 260 11.53 8.04 -4.38
C PHE A 260 10.12 7.48 -4.56
N GLY A 261 9.77 6.52 -3.72
CA GLY A 261 8.42 5.99 -3.70
C GLY A 261 8.07 5.01 -4.80
N SER A 262 9.04 4.62 -5.62
CA SER A 262 8.78 3.71 -6.73
C SER A 262 9.03 2.27 -6.33
N GLY A 263 8.69 1.36 -7.23
CA GLY A 263 8.87 -0.06 -6.99
C GLY A 263 8.42 -0.85 -8.19
N ILE A 264 8.54 -2.17 -8.08
CA ILE A 264 8.14 -3.09 -9.14
C ILE A 264 7.02 -3.97 -8.60
N ILE A 265 5.93 -4.07 -9.37
CA ILE A 265 4.78 -4.87 -9.00
C ILE A 265 4.41 -5.78 -10.16
N THR A 266 3.69 -6.85 -9.85
CA THR A 266 3.15 -7.77 -10.83
C THR A 266 1.64 -7.64 -10.86
N SER A 267 1.08 -7.41 -12.06
CA SER A 267 -0.35 -7.19 -12.17
C SER A 267 -0.80 -7.51 -13.59
N ASN A 268 -2.02 -8.03 -13.69
CA ASN A 268 -2.69 -8.20 -14.98
C ASN A 268 -3.75 -7.13 -15.22
N ALA A 269 -3.84 -6.13 -14.35
CA ALA A 269 -4.76 -5.03 -14.55
C ALA A 269 -4.29 -4.13 -15.68
N SER A 270 -5.23 -3.38 -16.26
CA SER A 270 -4.97 -2.55 -17.42
C SER A 270 -4.83 -1.08 -17.03
N MET A 271 -4.00 -0.37 -17.79
CA MET A 271 -3.82 1.06 -17.60
C MET A 271 -5.09 1.81 -18.01
N HIS A 272 -5.43 2.84 -17.25
CA HIS A 272 -6.63 3.63 -17.51
C HIS A 272 -6.34 5.11 -17.27
N GLU A 273 -7.20 5.95 -17.84
CA GLU A 273 -7.11 7.41 -17.67
C GLU A 273 -7.63 7.77 -16.28
N CYS A 274 -6.79 7.53 -15.27
CA CYS A 274 -7.16 7.80 -13.89
C CYS A 274 -5.92 8.25 -13.13
N ASN A 275 -6.15 8.89 -12.00
CA ASN A 275 -5.09 9.31 -11.10
C ASN A 275 -5.41 8.87 -9.69
N THR A 276 -4.36 8.46 -8.96
CA THR A 276 -4.53 7.95 -7.61
C THR A 276 -3.33 8.35 -6.76
N LYS A 277 -3.52 8.28 -5.45
CA LYS A 277 -2.42 8.43 -4.50
C LYS A 277 -1.94 7.10 -3.96
N CYS A 278 -2.66 6.01 -4.23
CA CYS A 278 -2.33 4.69 -3.70
C CYS A 278 -2.65 3.65 -4.77
N GLN A 279 -1.65 2.88 -5.16
CA GLN A 279 -1.81 1.84 -6.18
C GLN A 279 -1.42 0.49 -5.61
N THR A 280 -2.26 -0.51 -5.85
CA THR A 280 -2.02 -1.90 -5.52
C THR A 280 -2.03 -2.73 -6.80
N PRO A 281 -1.47 -3.94 -6.78
CA PRO A 281 -1.53 -4.79 -7.99
C PRO A 281 -2.94 -5.14 -8.42
N LEU A 282 -3.91 -5.08 -7.51
CA LEU A 282 -5.30 -5.36 -7.86
C LEU A 282 -6.06 -4.12 -8.35
N GLY A 283 -5.67 -2.94 -7.88
CA GLY A 283 -6.36 -1.73 -8.27
C GLY A 283 -5.93 -0.58 -7.38
N ALA A 284 -6.47 0.59 -7.71
CA ALA A 284 -6.14 1.81 -6.98
C ALA A 284 -7.09 2.02 -5.82
N ILE A 285 -6.60 2.70 -4.77
CA ILE A 285 -7.37 2.98 -3.56
C ILE A 285 -7.53 4.48 -3.43
N ASN A 286 -8.77 4.93 -3.31
CA ASN A 286 -9.11 6.33 -3.01
C ASN A 286 -9.77 6.33 -1.64
N SER A 287 -8.97 6.57 -0.60
CA SER A 287 -9.47 6.43 0.76
C SER A 287 -8.60 7.21 1.73
N SER A 288 -9.23 7.71 2.79
CA SER A 288 -8.55 8.32 3.92
C SER A 288 -8.58 7.43 5.16
N LEU A 289 -8.99 6.18 5.01
CA LEU A 289 -9.10 5.26 6.14
C LEU A 289 -7.71 4.76 6.55
N PRO A 290 -7.52 4.49 7.84
CA PRO A 290 -6.18 4.07 8.30
C PRO A 290 -5.80 2.66 7.91
N TYR A 291 -6.75 1.77 7.62
CA TYR A 291 -6.44 0.39 7.32
C TYR A 291 -7.10 -0.04 6.02
N GLN A 292 -6.51 -1.05 5.40
CA GLN A 292 -7.08 -1.68 4.21
C GLN A 292 -6.75 -3.17 4.25
N ASN A 293 -7.62 -3.97 3.64
CA ASN A 293 -7.41 -5.41 3.53
C ASN A 293 -7.40 -5.86 2.07
N ILE A 294 -6.94 -5.01 1.18
CA ILE A 294 -6.97 -5.30 -0.26
C ILE A 294 -5.73 -6.03 -0.72
N HIS A 295 -4.54 -5.52 -0.38
CA HIS A 295 -3.30 -6.16 -0.82
C HIS A 295 -2.14 -5.68 0.01
N PRO A 296 -1.18 -6.56 0.38
CA PRO A 296 -0.01 -6.10 1.13
C PRO A 296 0.96 -5.26 0.32
N VAL A 297 0.89 -5.30 -1.01
CA VAL A 297 1.81 -4.56 -1.86
C VAL A 297 1.15 -3.26 -2.26
N THR A 298 1.78 -2.14 -1.93
CA THR A 298 1.21 -0.82 -2.16
C THR A 298 2.26 0.13 -2.71
N ILE A 299 1.81 1.07 -3.55
CA ILE A 299 2.65 2.14 -4.07
C ILE A 299 1.99 3.46 -3.73
N GLY A 300 2.76 4.38 -3.14
CA GLY A 300 2.24 5.70 -2.81
C GLY A 300 1.95 5.89 -1.33
N GLU A 301 0.94 6.71 -1.01
CA GLU A 301 0.50 6.90 0.37
C GLU A 301 -0.79 6.10 0.57
N CYS A 302 -0.71 5.05 1.37
CA CYS A 302 -1.71 4.00 1.42
C CYS A 302 -2.13 3.70 2.84
N PRO A 303 -3.32 3.14 3.03
CA PRO A 303 -3.68 2.60 4.35
C PRO A 303 -2.84 1.38 4.67
N LYS A 304 -2.68 1.13 5.97
CA LYS A 304 -1.87 0.00 6.41
C LYS A 304 -2.61 -1.32 6.18
N TYR A 305 -1.93 -2.28 5.58
CA TYR A 305 -2.55 -3.57 5.30
C TYR A 305 -2.69 -4.40 6.57
N VAL A 306 -3.88 -4.97 6.76
CA VAL A 306 -4.15 -5.90 7.85
C VAL A 306 -4.95 -7.07 7.30
N ARG A 307 -4.99 -8.15 8.07
CA ARG A 307 -5.71 -9.36 7.68
C ARG A 307 -7.19 -9.32 8.05
N SER A 308 -7.63 -8.28 8.77
CA SER A 308 -8.97 -8.27 9.33
C SER A 308 -10.04 -8.18 8.25
N ALA A 309 -11.21 -8.74 8.56
CA ALA A 309 -12.37 -8.62 7.69
C ALA A 309 -13.25 -7.44 8.04
N LYS A 310 -13.16 -6.91 9.25
CA LYS A 310 -14.03 -5.83 9.68
C LYS A 310 -13.34 -5.05 10.79
N LEU A 311 -13.31 -3.71 10.65
CA LEU A 311 -12.78 -2.81 11.68
C LEU A 311 -13.74 -1.62 11.76
N ARG A 312 -14.75 -1.74 12.61
CA ARG A 312 -15.78 -0.73 12.76
C ARG A 312 -15.76 -0.19 14.18
N MET A 313 -15.56 1.12 14.32
CA MET A 313 -15.54 1.77 15.62
C MET A 313 -16.91 2.40 15.88
N VAL A 314 -17.46 2.14 17.06
CA VAL A 314 -18.74 2.73 17.44
C VAL A 314 -18.50 4.18 17.84
N THR A 315 -19.37 5.07 17.37
CA THR A 315 -19.42 6.45 17.80
C THR A 315 -20.67 6.78 18.59
N GLY A 316 -21.80 6.18 18.24
CA GLY A 316 -23.06 6.41 18.91
C GLY A 316 -23.29 5.45 20.06
N LEU A 317 -24.57 5.23 20.37
CA LEU A 317 -25.01 4.49 21.54
C LEU A 317 -25.50 3.10 21.13
N ARG A 318 -25.65 2.24 22.13
CA ARG A 318 -26.36 0.98 21.91
C ARG A 318 -27.79 1.28 21.48
N ASN A 319 -28.23 0.62 20.40
CA ASN A 319 -29.50 0.97 19.75
C ASN A 319 -30.61 0.09 20.32
N ILE A 320 -31.48 0.69 21.12
CA ILE A 320 -32.61 -0.02 21.72
C ILE A 320 -33.90 0.75 21.41
N PRO A 321 -34.47 0.57 20.20
CA PRO A 321 -35.65 1.36 19.83
C PRO A 321 -36.97 0.76 20.29
N SER A 322 -36.96 -0.37 20.99
CA SER A 322 -38.19 -1.03 21.43
C SER A 322 -39.02 -0.13 22.33
N GLY B 1 -24.60 -2.10 31.03
CA GLY B 1 -23.41 -1.27 30.96
C GLY B 1 -22.76 -1.05 32.32
N LEU B 2 -21.60 -0.40 32.31
CA LEU B 2 -20.85 -0.19 33.54
C LEU B 2 -21.57 0.74 34.50
N PHE B 3 -22.36 1.67 33.99
CA PHE B 3 -23.00 2.69 34.82
C PHE B 3 -24.50 2.48 34.99
N GLY B 4 -25.06 1.45 34.36
CA GLY B 4 -26.40 0.99 34.68
C GLY B 4 -27.55 1.77 34.09
N ALA B 5 -27.29 2.76 33.22
CA ALA B 5 -28.36 3.57 32.68
C ALA B 5 -28.87 3.02 31.34
N ILE B 6 -27.99 2.95 30.34
CA ILE B 6 -28.39 2.45 29.03
C ILE B 6 -28.63 0.96 29.11
N ALA B 7 -29.81 0.52 28.65
CA ALA B 7 -30.26 -0.86 28.81
C ALA B 7 -30.26 -1.29 30.28
N GLY B 8 -30.41 -0.32 31.18
CA GLY B 8 -30.46 -0.58 32.60
C GLY B 8 -31.77 -0.12 33.21
N PHE B 9 -31.70 0.81 34.18
CA PHE B 9 -32.94 1.35 34.72
C PHE B 9 -33.68 2.23 33.71
N ILE B 10 -33.03 2.62 32.62
CA ILE B 10 -33.69 3.21 31.47
C ILE B 10 -33.63 2.17 30.36
N GLU B 11 -34.75 1.45 30.17
CA GLU B 11 -34.72 0.20 29.41
C GLU B 11 -34.40 0.42 27.94
N GLY B 12 -34.98 1.45 27.31
CA GLY B 12 -34.87 1.62 25.88
C GLY B 12 -34.62 3.06 25.48
N GLY B 13 -34.31 3.24 24.20
CA GLY B 13 -34.06 4.55 23.64
C GLY B 13 -35.29 5.17 23.00
N TRP B 14 -35.11 6.39 22.50
CA TRP B 14 -36.18 7.20 21.93
C TRP B 14 -35.91 7.43 20.46
N THR B 15 -36.75 6.86 19.59
CA THR B 15 -36.68 7.20 18.18
C THR B 15 -37.21 8.61 17.92
N GLY B 16 -38.09 9.10 18.80
CA GLY B 16 -38.66 10.43 18.62
C GLY B 16 -37.70 11.56 18.90
N MET B 17 -36.57 11.28 19.53
CA MET B 17 -35.55 12.29 19.80
C MET B 17 -34.47 12.15 18.72
N ILE B 18 -34.53 13.03 17.72
CA ILE B 18 -33.66 12.90 16.56
C ILE B 18 -32.46 13.84 16.60
N ASP B 19 -32.47 14.85 17.47
CA ASP B 19 -31.50 15.94 17.41
C ASP B 19 -30.37 15.80 18.41
N GLY B 20 -30.25 14.67 19.11
CA GLY B 20 -29.19 14.53 20.08
C GLY B 20 -29.14 13.13 20.64
N TRP B 21 -28.01 12.82 21.29
CA TRP B 21 -27.81 11.51 21.89
C TRP B 21 -28.57 11.36 23.20
N TYR B 22 -28.64 12.43 24.00
CA TYR B 22 -29.32 12.42 25.28
C TYR B 22 -30.22 13.64 25.37
N GLY B 23 -31.30 13.51 26.13
CA GLY B 23 -32.23 14.61 26.24
C GLY B 23 -33.36 14.28 27.18
N TYR B 24 -34.45 15.05 27.06
CA TYR B 24 -35.57 14.96 27.97
C TYR B 24 -36.88 14.82 27.20
N HIS B 25 -37.83 14.12 27.81
CA HIS B 25 -39.23 14.11 27.38
C HIS B 25 -40.07 14.63 28.54
N HIS B 26 -40.92 15.61 28.26
CA HIS B 26 -41.73 16.25 29.28
C HIS B 26 -43.20 16.09 28.95
N GLN B 27 -44.04 16.16 29.98
CA GLN B 27 -45.49 16.07 29.80
C GLN B 27 -46.16 16.92 30.86
N ASN B 28 -46.88 17.96 30.43
CA ASN B 28 -47.65 18.80 31.33
C ASN B 28 -48.94 19.18 30.61
N GLU B 29 -49.68 20.13 31.20
CA GLU B 29 -50.96 20.54 30.61
C GLU B 29 -50.80 21.24 29.27
N GLN B 30 -49.63 21.82 28.99
CA GLN B 30 -49.39 22.49 27.72
C GLN B 30 -49.03 21.51 26.60
N GLY B 31 -48.73 20.26 26.92
CA GLY B 31 -48.42 19.27 25.91
C GLY B 31 -47.18 18.49 26.27
N SER B 32 -46.56 17.88 25.26
CA SER B 32 -45.42 17.02 25.45
C SER B 32 -44.50 17.13 24.25
N GLY B 33 -43.25 16.67 24.43
CA GLY B 33 -42.30 16.68 23.35
C GLY B 33 -40.93 16.25 23.82
N TYR B 34 -40.07 15.97 22.84
CA TYR B 34 -38.69 15.61 23.09
C TYR B 34 -37.81 16.85 22.97
N ALA B 35 -36.71 16.86 23.74
CA ALA B 35 -35.76 17.97 23.70
C ALA B 35 -34.38 17.42 24.01
N ALA B 36 -33.50 17.42 23.00
CA ALA B 36 -32.13 16.96 23.21
C ALA B 36 -31.37 17.92 24.09
N ASP B 37 -30.53 17.36 24.97
CA ASP B 37 -29.65 18.18 25.81
C ASP B 37 -28.42 18.52 24.98
N GLN B 38 -28.38 19.77 24.48
CA GLN B 38 -27.34 20.16 23.53
C GLN B 38 -25.95 20.16 24.16
N LYS B 39 -25.85 20.50 25.44
CA LYS B 39 -24.54 20.62 26.08
C LYS B 39 -23.84 19.26 26.17
N SER B 40 -24.53 18.26 26.71
CA SER B 40 -23.90 16.95 26.88
C SER B 40 -23.68 16.27 25.53
N THR B 41 -24.63 16.44 24.60
CA THR B 41 -24.48 15.84 23.28
C THR B 41 -23.29 16.41 22.53
N GLN B 42 -23.15 17.74 22.54
CA GLN B 42 -22.04 18.37 21.84
C GLN B 42 -20.71 18.02 22.49
N ASN B 43 -20.66 17.97 23.82
CA ASN B 43 -19.44 17.57 24.50
C ASN B 43 -19.05 16.14 24.15
N ALA B 44 -20.03 15.23 24.11
CA ALA B 44 -19.77 13.86 23.70
C ALA B 44 -19.31 13.80 22.25
N ILE B 45 -19.93 14.60 21.38
CA ILE B 45 -19.54 14.62 19.98
C ILE B 45 -18.07 15.06 19.84
N ASN B 46 -17.68 16.09 20.58
CA ASN B 46 -16.29 16.56 20.53
C ASN B 46 -15.34 15.48 21.01
N GLY B 47 -15.68 14.79 22.10
CA GLY B 47 -14.80 13.74 22.60
C GLY B 47 -14.71 12.55 21.67
N ILE B 48 -15.84 12.12 21.12
CA ILE B 48 -15.84 10.96 20.22
C ILE B 48 -15.10 11.28 18.93
N THR B 49 -15.35 12.47 18.37
CA THR B 49 -14.62 12.89 17.17
C THR B 49 -13.12 12.89 17.40
N ASN B 50 -12.70 13.31 18.60
CA ASN B 50 -11.28 13.30 18.93
C ASN B 50 -10.74 11.88 19.07
N LYS B 51 -11.56 10.96 19.58
CA LYS B 51 -11.12 9.57 19.70
C LYS B 51 -10.87 8.94 18.34
N VAL B 52 -11.76 9.17 17.39
CA VAL B 52 -11.60 8.61 16.04
C VAL B 52 -10.40 9.24 15.36
N ASN B 53 -10.22 10.56 15.51
CA ASN B 53 -9.08 11.23 14.90
C ASN B 53 -7.77 10.71 15.49
N THR B 54 -7.75 10.46 16.80
CA THR B 54 -6.55 9.92 17.43
C THR B 54 -6.21 8.53 16.86
N VAL B 55 -7.23 7.69 16.64
CA VAL B 55 -6.99 6.37 16.09
C VAL B 55 -6.39 6.47 14.69
N ILE B 56 -6.95 7.36 13.85
CA ILE B 56 -6.41 7.56 12.51
C ILE B 56 -5.02 8.19 12.59
N GLU B 57 -4.83 9.17 13.48
CA GLU B 57 -3.54 9.87 13.55
C GLU B 57 -2.42 8.93 13.95
N LYS B 58 -2.66 8.04 14.91
CA LYS B 58 -1.60 7.17 15.41
C LYS B 58 -1.09 6.22 14.33
N MET B 59 -1.93 5.87 13.35
CA MET B 59 -1.49 5.05 12.24
C MET B 59 -0.80 5.92 11.20
N ASN B 60 0.49 5.67 10.97
CA ASN B 60 1.24 6.43 9.99
C ASN B 60 0.78 6.09 8.59
N ILE B 61 1.06 7.01 7.66
CA ILE B 61 0.83 6.74 6.25
C ILE B 61 1.76 5.62 5.80
N GLN B 62 1.19 4.60 5.17
CA GLN B 62 1.99 3.50 4.63
C GLN B 62 2.56 3.94 3.29
N PHE B 63 3.86 4.19 3.25
CA PHE B 63 4.52 4.57 2.00
C PHE B 63 4.77 3.29 1.18
N THR B 64 5.49 3.43 0.07
CA THR B 64 5.65 2.33 -0.86
C THR B 64 6.31 1.13 -0.18
N ALA B 65 5.70 -0.05 -0.35
CA ALA B 65 6.22 -1.28 0.25
C ALA B 65 5.91 -2.43 -0.73
N VAL B 66 6.94 -2.89 -1.42
CA VAL B 66 6.80 -3.98 -2.39
C VAL B 66 7.65 -5.15 -1.95
N GLY B 67 7.55 -6.26 -2.68
CA GLY B 67 8.35 -7.42 -2.37
C GLY B 67 9.72 -7.38 -3.02
N LYS B 68 10.55 -8.34 -2.64
CA LYS B 68 11.90 -8.49 -3.17
C LYS B 68 12.04 -9.85 -3.82
N GLU B 69 13.07 -10.00 -4.64
CA GLU B 69 13.33 -11.24 -5.36
C GLU B 69 14.65 -11.83 -4.91
N PHE B 70 14.73 -13.16 -4.93
CA PHE B 70 15.89 -13.90 -4.47
C PHE B 70 16.12 -15.10 -5.38
N ASN B 71 17.40 -15.39 -5.65
CA ASN B 71 17.73 -16.50 -6.52
C ASN B 71 17.67 -17.82 -5.73
N LYS B 72 17.96 -18.92 -6.43
CA LYS B 72 17.80 -20.24 -5.82
C LYS B 72 18.76 -20.49 -4.67
N LEU B 73 19.82 -19.69 -4.55
CA LEU B 73 20.81 -19.88 -3.51
C LEU B 73 20.69 -18.84 -2.39
N GLU B 74 19.54 -18.18 -2.28
CA GLU B 74 19.28 -17.20 -1.23
C GLU B 74 17.99 -17.52 -0.50
N LYS B 75 17.77 -18.80 -0.21
CA LYS B 75 16.55 -19.22 0.47
C LYS B 75 16.48 -18.66 1.89
N ARG B 76 17.60 -18.63 2.60
CA ARG B 76 17.61 -18.12 3.97
C ARG B 76 17.19 -16.65 4.01
N MET B 77 17.77 -15.84 3.11
CA MET B 77 17.39 -14.43 3.05
C MET B 77 15.93 -14.27 2.68
N GLU B 78 15.45 -15.07 1.73
CA GLU B 78 14.05 -15.02 1.33
C GLU B 78 13.12 -15.39 2.48
N ASN B 79 13.50 -16.41 3.26
CA ASN B 79 12.70 -16.79 4.42
C ASN B 79 12.76 -15.74 5.51
N LEU B 80 13.91 -15.09 5.68
CA LEU B 80 14.01 -14.01 6.67
C LEU B 80 13.17 -12.81 6.26
N ASN B 81 13.20 -12.46 4.97
CA ASN B 81 12.34 -11.38 4.48
C ASN B 81 10.87 -11.72 4.66
N LYS B 82 10.51 -12.98 4.41
CA LYS B 82 9.14 -13.43 4.64
C LYS B 82 8.80 -13.42 6.12
N LYS B 83 9.74 -13.82 6.98
CA LYS B 83 9.49 -13.80 8.42
C LYS B 83 9.27 -12.38 8.92
N VAL B 84 10.02 -11.42 8.39
CA VAL B 84 9.84 -10.02 8.78
C VAL B 84 8.49 -9.51 8.32
N ASP B 85 8.14 -9.77 7.06
CA ASP B 85 6.85 -9.30 6.54
C ASP B 85 5.69 -9.94 7.27
N ASP B 86 5.77 -11.24 7.53
CA ASP B 86 4.70 -11.92 8.26
C ASP B 86 4.59 -11.40 9.68
N GLY B 87 5.73 -11.19 10.36
CA GLY B 87 5.70 -10.77 11.75
C GLY B 87 5.10 -9.39 11.93
N PHE B 88 5.50 -8.44 11.08
CA PHE B 88 4.92 -7.09 11.15
C PHE B 88 3.42 -7.12 10.89
N LEU B 89 2.99 -7.93 9.92
CA LEU B 89 1.56 -8.04 9.61
C LEU B 89 0.80 -8.64 10.79
N ASP B 90 1.40 -9.61 11.48
CA ASP B 90 0.77 -10.19 12.66
C ASP B 90 0.52 -9.13 13.71
N ILE B 91 1.51 -8.28 13.97
CA ILE B 91 1.42 -7.30 15.04
C ILE B 91 0.40 -6.21 14.71
N TRP B 92 0.42 -5.71 13.47
CA TRP B 92 -0.47 -4.62 13.11
C TRP B 92 -1.93 -5.08 13.05
N THR B 93 -2.18 -6.30 12.55
CA THR B 93 -3.52 -6.86 12.63
C THR B 93 -3.95 -7.02 14.08
N TYR B 94 -3.03 -7.51 14.93
CA TYR B 94 -3.32 -7.62 16.36
C TYR B 94 -3.57 -6.26 16.98
N ASN B 95 -2.71 -5.28 16.67
CA ASN B 95 -2.86 -3.96 17.26
C ASN B 95 -4.17 -3.29 16.84
N ALA B 96 -4.52 -3.40 15.56
CA ALA B 96 -5.72 -2.74 15.05
C ALA B 96 -6.98 -3.36 15.65
N GLU B 97 -7.08 -4.68 15.63
CA GLU B 97 -8.30 -5.35 16.10
C GLU B 97 -8.52 -5.11 17.58
N LEU B 98 -7.45 -5.17 18.38
CA LEU B 98 -7.59 -4.95 19.82
C LEU B 98 -7.97 -3.51 20.13
N LEU B 99 -7.37 -2.55 19.43
CA LEU B 99 -7.65 -1.14 19.71
C LEU B 99 -9.12 -0.82 19.45
N VAL B 100 -9.68 -1.33 18.36
CA VAL B 100 -11.09 -1.09 18.07
C VAL B 100 -11.97 -1.74 19.13
N LEU B 101 -11.65 -2.99 19.50
CA LEU B 101 -12.44 -3.67 20.52
C LEU B 101 -12.41 -2.94 21.85
N LEU B 102 -11.22 -2.50 22.28
CA LEU B 102 -11.11 -1.84 23.57
C LEU B 102 -11.76 -0.46 23.55
N GLU B 103 -11.56 0.30 22.48
CA GLU B 103 -12.18 1.62 22.39
C GLU B 103 -13.70 1.53 22.21
N ASN B 104 -14.18 0.47 21.56
CA ASN B 104 -15.62 0.27 21.43
C ASN B 104 -16.26 0.10 22.81
N GLU B 105 -15.63 -0.69 23.66
CA GLU B 105 -16.16 -0.89 25.01
C GLU B 105 -16.15 0.42 25.80
N ARG B 106 -15.09 1.20 25.68
CA ARG B 106 -15.01 2.47 26.39
C ARG B 106 -16.04 3.47 25.86
N THR B 107 -16.29 3.46 24.56
CA THR B 107 -17.27 4.38 23.98
C THR B 107 -18.66 4.11 24.53
N LEU B 108 -19.06 2.85 24.59
CA LEU B 108 -20.38 2.51 25.12
C LEU B 108 -20.50 2.90 26.59
N ASP B 109 -19.46 2.66 27.37
CA ASP B 109 -19.46 3.08 28.77
C ASP B 109 -19.46 4.60 28.89
N PHE B 110 -18.80 5.31 27.95
CA PHE B 110 -18.80 6.76 27.97
C PHE B 110 -20.22 7.31 27.78
N HIS B 111 -20.96 6.75 26.82
CA HIS B 111 -22.34 7.16 26.64
C HIS B 111 -23.19 6.78 27.85
N ASP B 112 -22.93 5.60 28.42
CA ASP B 112 -23.66 5.18 29.61
C ASP B 112 -23.42 6.14 30.77
N SER B 113 -22.18 6.62 30.92
CA SER B 113 -21.87 7.58 31.99
C SER B 113 -22.61 8.89 31.78
N ASN B 114 -22.69 9.36 30.53
CA ASN B 114 -23.34 10.64 30.26
C ASN B 114 -24.84 10.59 30.58
N VAL B 115 -25.49 9.48 30.27
CA VAL B 115 -26.91 9.33 30.60
C VAL B 115 -27.10 9.34 32.11
N LYS B 116 -26.26 8.60 32.84
CA LYS B 116 -26.38 8.54 34.29
C LYS B 116 -26.12 9.90 34.93
N ASN B 117 -25.07 10.60 34.48
CA ASN B 117 -24.76 11.91 35.03
C ASN B 117 -25.86 12.91 34.76
N LEU B 118 -26.45 12.86 33.55
CA LEU B 118 -27.59 13.73 33.24
C LEU B 118 -28.77 13.43 34.14
N TYR B 119 -29.02 12.14 34.40
CA TYR B 119 -30.11 11.76 35.30
C TYR B 119 -29.85 12.26 36.71
N GLU B 120 -28.61 12.15 37.18
CA GLU B 120 -28.30 12.60 38.53
C GLU B 120 -28.39 14.11 38.67
N LYS B 121 -28.08 14.84 37.59
CA LYS B 121 -28.20 16.30 37.62
C LYS B 121 -29.64 16.72 37.89
N VAL B 122 -30.59 16.07 37.23
CA VAL B 122 -32.00 16.40 37.41
C VAL B 122 -32.47 15.99 38.80
N LYS B 123 -32.04 14.80 39.26
CA LYS B 123 -32.48 14.31 40.57
C LYS B 123 -32.04 15.23 41.70
N SER B 124 -30.80 15.74 41.61
CA SER B 124 -30.32 16.64 42.66
C SER B 124 -31.06 17.97 42.66
N GLN B 125 -31.47 18.46 41.48
CA GLN B 125 -32.21 19.71 41.42
C GLN B 125 -33.60 19.56 42.01
N LEU B 126 -34.31 18.49 41.64
CA LEU B 126 -35.70 18.34 42.04
C LEU B 126 -35.83 17.99 43.52
N LYS B 127 -34.87 17.25 44.07
CA LYS B 127 -34.93 16.79 45.46
C LYS B 127 -36.26 16.09 45.76
N ASN B 128 -36.99 16.58 46.77
CA ASN B 128 -38.24 15.97 47.16
C ASN B 128 -39.46 16.64 46.54
N ASN B 129 -39.25 17.57 45.60
CA ASN B 129 -40.36 18.18 44.88
C ASN B 129 -40.94 17.25 43.81
N ALA B 130 -40.25 16.15 43.49
CA ALA B 130 -40.75 15.15 42.56
C ALA B 130 -40.40 13.78 43.12
N LYS B 131 -40.96 12.74 42.51
CA LYS B 131 -40.71 11.37 42.94
C LYS B 131 -40.22 10.52 41.77
N GLU B 132 -39.28 9.63 42.07
CA GLU B 132 -38.78 8.70 41.06
C GLU B 132 -39.82 7.64 40.78
N ILE B 133 -40.30 7.58 39.55
CA ILE B 133 -41.31 6.60 39.17
C ILE B 133 -40.72 5.52 38.26
N GLY B 134 -39.41 5.36 38.27
CA GLY B 134 -38.75 4.34 37.47
C GLY B 134 -38.59 4.74 36.02
N ASN B 135 -37.80 3.94 35.31
CA ASN B 135 -37.54 4.13 33.88
C ASN B 135 -36.95 5.51 33.59
N GLY B 136 -36.30 6.10 34.60
CA GLY B 136 -35.68 7.40 34.41
C GLY B 136 -36.65 8.54 34.30
N CYS B 137 -37.82 8.43 34.92
CA CYS B 137 -38.84 9.47 34.86
C CYS B 137 -39.12 10.01 36.26
N PHE B 138 -39.50 11.28 36.33
CA PHE B 138 -39.87 11.94 37.57
C PHE B 138 -41.29 12.49 37.44
N GLU B 139 -42.10 12.27 38.47
CA GLU B 139 -43.44 12.84 38.53
C GLU B 139 -43.42 13.98 39.54
N PHE B 140 -43.72 15.19 39.07
CA PHE B 140 -43.67 16.36 39.94
C PHE B 140 -44.81 16.34 40.95
N TYR B 141 -44.51 16.79 42.17
CA TYR B 141 -45.52 17.02 43.18
C TYR B 141 -46.17 18.40 43.05
N HIS B 142 -45.89 19.10 41.96
CA HIS B 142 -46.46 20.42 41.72
C HIS B 142 -46.63 20.60 40.22
N LYS B 143 -47.42 21.60 39.85
CA LYS B 143 -47.57 21.94 38.44
C LYS B 143 -46.26 22.52 37.92
N CYS B 144 -45.80 22.00 36.78
CA CYS B 144 -44.56 22.43 36.16
C CYS B 144 -44.83 22.74 34.70
N ASP B 145 -44.84 24.04 34.37
CA ASP B 145 -45.15 24.47 33.01
C ASP B 145 -43.89 24.40 32.15
N ASN B 146 -44.00 24.93 30.92
CA ASN B 146 -42.85 24.91 30.01
C ASN B 146 -41.68 25.70 30.56
N GLU B 147 -41.96 26.84 31.19
CA GLU B 147 -40.89 27.62 31.82
C GLU B 147 -40.25 26.83 32.95
N CYS B 148 -41.05 26.15 33.77
CA CYS B 148 -40.50 25.31 34.83
C CYS B 148 -39.70 24.15 34.26
N MET B 149 -40.20 23.55 33.17
CA MET B 149 -39.47 22.46 32.54
C MET B 149 -38.12 22.92 32.01
N GLU B 150 -38.07 24.10 31.38
CA GLU B 150 -36.83 24.62 30.85
C GLU B 150 -35.82 24.91 31.96
N SER B 151 -36.29 25.33 33.13
CA SER B 151 -35.39 25.52 34.27
C SER B 151 -34.80 24.20 34.76
N VAL B 152 -35.43 23.08 34.44
CA VAL B 152 -34.86 21.77 34.77
C VAL B 152 -33.86 21.34 33.70
N ARG B 153 -34.19 21.57 32.43
CA ARG B 153 -33.30 21.18 31.34
C ARG B 153 -31.99 21.94 31.41
N ASN B 154 -32.04 23.24 31.70
CA ASN B 154 -30.82 23.95 32.07
C ASN B 154 -30.66 23.88 33.59
N GLY B 155 -29.62 24.53 34.11
CA GLY B 155 -29.23 24.29 35.49
C GLY B 155 -29.92 25.15 36.52
N THR B 156 -31.05 25.76 36.17
CA THR B 156 -31.61 26.79 37.03
C THR B 156 -33.01 26.45 37.57
N TYR B 157 -33.20 25.24 38.08
CA TYR B 157 -34.47 24.89 38.71
C TYR B 157 -34.58 25.56 40.08
N ASP B 158 -35.73 26.17 40.35
CA ASP B 158 -35.97 26.93 41.58
C ASP B 158 -36.68 26.00 42.57
N TYR B 159 -35.90 25.34 43.41
CA TYR B 159 -36.49 24.47 44.43
C TYR B 159 -37.34 25.22 45.44
N PRO B 160 -36.89 26.33 46.06
CA PRO B 160 -37.74 26.98 47.07
C PRO B 160 -39.06 27.52 46.52
N LYS B 161 -39.15 27.74 45.21
CA LYS B 161 -40.38 28.29 44.64
C LYS B 161 -41.56 27.35 44.79
N TYR B 162 -41.31 26.04 44.68
CA TYR B 162 -42.39 25.05 44.66
C TYR B 162 -42.38 24.14 45.89
N SER B 163 -41.53 24.42 46.89
CA SER B 163 -41.43 23.52 48.03
C SER B 163 -42.74 23.44 48.81
N GLU B 164 -43.41 24.59 49.00
CA GLU B 164 -44.64 24.60 49.78
C GLU B 164 -45.75 23.80 49.09
N GLU B 165 -45.95 24.05 47.79
CA GLU B 165 -46.98 23.32 47.05
C GLU B 165 -46.65 21.83 46.96
N SER B 166 -45.37 21.50 46.75
CA SER B 166 -44.97 20.11 46.68
C SER B 166 -45.20 19.39 48.00
N LYS B 167 -44.93 20.06 49.13
CA LYS B 167 -45.13 19.45 50.43
C LYS B 167 -46.59 19.09 50.67
N LEU B 168 -47.51 19.96 50.26
CA LEU B 168 -48.93 19.68 50.43
C LEU B 168 -49.35 18.46 49.61
N ASN B 169 -48.89 18.38 48.36
CA ASN B 169 -49.27 17.25 47.51
C ASN B 169 -48.55 15.98 47.95
N ARG B 170 -47.28 16.09 48.36
CA ARG B 170 -46.59 14.94 48.91
C ARG B 170 -47.26 14.45 50.18
N GLU B 171 -47.85 15.37 50.95
CA GLU B 171 -48.67 15.03 52.11
C GLU B 171 -47.89 14.26 53.17
#